data_5WCO
#
_entry.id   5WCO
#
_cell.length_a   38.799
_cell.length_b   95.886
_cell.length_c   85.410
_cell.angle_alpha   90.000
_cell.angle_beta   93.030
_cell.angle_gamma   90.000
#
_symmetry.space_group_name_H-M   'P 1 21 1'
#
loop_
_entity.id
_entity.type
_entity.pdbx_description
1 polymer NS2
2 water water
#
_entity_poly.entity_id   1
_entity_poly.type   'polypeptide(L)'
_entity_poly.pdbx_seq_one_letter_code
;MGSSHHHHHHSSGLVPRGSHMNESQWIQKHLPCMREANPKPRELIRHALKKKKRPEVVYAMGVLLTLGGESGLTVEFPVP
EGKTVKVKTLNQLVNGMISRATMTLYCVMKDPPSGSMATLMRDHIRNWLKEESGCQDADGGEEKWAMVYGMISPDMAEEK
TMLKELKTMLHSRMQMYALGASSKALENLEKAIVAAVHRLPASCSTEKMVLLGYLK
;
_entity_poly.pdbx_strand_id   A,B,C
#
# COMPACT_ATOMS: atom_id res chain seq x y z
N MET A 21 31.11 -25.90 22.34
CA MET A 21 32.02 -26.73 21.55
C MET A 21 31.34 -27.36 20.34
N ASN A 22 32.15 -27.66 19.34
CA ASN A 22 31.72 -28.02 17.96
C ASN A 22 30.89 -27.08 17.08
N GLU A 23 31.36 -25.85 16.94
CA GLU A 23 30.58 -24.82 16.28
C GLU A 23 29.70 -25.16 15.06
N SER A 24 30.20 -25.97 14.13
CA SER A 24 29.39 -26.47 13.04
C SER A 24 28.10 -27.13 13.50
N GLN A 25 28.17 -28.10 14.40
CA GLN A 25 26.91 -28.70 14.82
C GLN A 25 26.09 -27.67 15.55
N TRP A 26 26.74 -26.77 16.30
CA TRP A 26 25.97 -25.81 17.04
C TRP A 26 25.13 -24.96 16.07
N ILE A 27 25.84 -24.43 15.08
CA ILE A 27 25.28 -23.62 14.00
C ILE A 27 24.12 -24.31 13.31
N GLN A 28 24.30 -25.59 13.00
CA GLN A 28 23.31 -26.36 12.26
C GLN A 28 22.06 -26.69 13.10
N LYS A 29 22.29 -26.94 14.40
CA LYS A 29 21.22 -27.24 15.34
C LYS A 29 20.37 -26.00 15.60
N HIS A 30 20.99 -24.82 15.57
CA HIS A 30 20.32 -23.60 16.03
C HIS A 30 19.93 -22.64 14.91
N LEU A 31 20.58 -22.74 13.77
CA LEU A 31 20.23 -21.89 12.63
C LEU A 31 19.77 -22.78 11.49
N PRO A 32 18.47 -23.12 11.48
CA PRO A 32 17.85 -24.09 10.56
C PRO A 32 18.30 -23.92 9.12
N CYS A 33 18.23 -22.74 8.52
CA CYS A 33 18.74 -22.60 7.14
C CYS A 33 20.14 -23.20 6.91
N MET A 34 20.94 -23.34 7.96
CA MET A 34 22.32 -23.84 7.78
C MET A 34 22.47 -25.36 7.69
N ARG A 35 21.41 -26.09 7.99
CA ARG A 35 21.44 -27.55 7.92
C ARG A 35 21.64 -28.07 6.47
N GLU A 36 21.36 -27.21 5.49
CA GLU A 36 21.45 -27.55 4.06
C GLU A 36 22.88 -27.43 3.56
N ALA A 37 23.76 -27.03 4.47
CA ALA A 37 25.15 -26.80 4.11
C ALA A 37 25.94 -28.03 4.45
N ASN A 38 27.02 -28.23 3.70
CA ASN A 38 28.05 -29.18 4.08
C ASN A 38 28.67 -28.73 5.43
N PRO A 39 28.77 -29.65 6.40
CA PRO A 39 29.10 -29.28 7.78
C PRO A 39 30.48 -28.64 7.98
N LYS A 40 31.32 -28.59 6.96
CA LYS A 40 32.66 -28.03 7.17
C LYS A 40 32.60 -26.51 7.25
N PRO A 41 33.48 -25.93 8.09
CA PRO A 41 33.54 -24.50 8.42
C PRO A 41 33.48 -23.55 7.22
N ARG A 42 34.37 -23.75 6.23
CA ARG A 42 34.34 -22.91 5.02
C ARG A 42 33.09 -23.14 4.17
N GLU A 43 32.61 -24.38 4.17
CA GLU A 43 31.42 -24.69 3.35
C GLU A 43 30.20 -23.97 3.89
N LEU A 44 30.05 -23.99 5.21
CA LEU A 44 29.03 -23.18 5.86
C LEU A 44 29.13 -21.73 5.45
N ILE A 45 30.34 -21.17 5.41
CA ILE A 45 30.51 -19.77 5.03
C ILE A 45 30.14 -19.54 3.56
N ARG A 46 30.67 -20.38 2.67
CA ARG A 46 30.30 -20.26 1.25
C ARG A 46 28.81 -20.44 1.05
N HIS A 47 28.21 -21.34 1.83
CA HIS A 47 26.77 -21.55 1.72
C HIS A 47 25.95 -20.34 2.11
N ALA A 48 26.18 -19.77 3.30
CA ALA A 48 25.35 -18.63 3.73
C ALA A 48 25.53 -17.39 2.86
N LEU A 49 26.76 -17.16 2.39
CA LEU A 49 27.00 -16.03 1.49
C LEU A 49 26.18 -16.21 0.19
N LYS A 50 26.28 -17.38 -0.44
CA LYS A 50 25.45 -17.74 -1.61
C LYS A 50 23.95 -17.46 -1.41
N LYS A 51 23.44 -17.89 -0.25
CA LYS A 51 22.04 -17.72 0.14
C LYS A 51 21.74 -16.23 0.46
N LYS A 52 22.78 -15.40 0.49
CA LYS A 52 22.63 -13.95 0.69
C LYS A 52 21.86 -13.61 1.97
N LYS A 53 22.24 -14.25 3.09
CA LYS A 53 21.65 -13.89 4.38
C LYS A 53 22.23 -12.54 4.84
N ARG A 54 21.57 -11.89 5.79
CA ARG A 54 22.09 -10.62 6.30
C ARG A 54 23.56 -10.77 6.69
N PRO A 55 24.40 -9.86 6.18
CA PRO A 55 25.84 -9.79 6.37
C PRO A 55 26.28 -10.06 7.82
N GLU A 56 25.63 -9.41 8.78
CA GLU A 56 25.90 -9.63 10.20
C GLU A 56 25.99 -11.12 10.56
N VAL A 57 24.97 -11.89 10.15
CA VAL A 57 24.87 -13.30 10.55
C VAL A 57 26.04 -14.14 10.01
N VAL A 58 26.38 -13.95 8.74
CA VAL A 58 27.43 -14.75 8.11
C VAL A 58 28.78 -14.42 8.75
N TYR A 59 29.01 -13.15 9.02
CA TYR A 59 30.23 -12.75 9.72
C TYR A 59 30.29 -13.30 11.16
N ALA A 60 29.14 -13.30 11.86
CA ALA A 60 29.04 -13.85 13.22
C ALA A 60 29.39 -15.32 13.23
N MET A 61 28.89 -16.07 12.25
CA MET A 61 29.27 -17.48 12.13
C MET A 61 30.77 -17.61 11.89
N GLY A 62 31.35 -16.67 11.14
CA GLY A 62 32.80 -16.66 10.93
C GLY A 62 33.58 -16.55 12.24
N VAL A 63 33.20 -15.59 13.06
CA VAL A 63 33.81 -15.34 14.36
C VAL A 63 33.61 -16.56 15.28
N LEU A 64 32.41 -17.10 15.26
CA LEU A 64 32.12 -18.22 16.14
C LEU A 64 32.96 -19.43 15.73
N LEU A 65 33.18 -19.60 14.43
CA LEU A 65 34.05 -20.66 13.93
C LEU A 65 35.53 -20.47 14.29
N THR A 66 36.10 -19.32 13.93
CA THR A 66 37.47 -18.95 14.34
C THR A 66 37.73 -19.20 15.83
N LEU A 67 36.99 -18.51 16.69
CA LEU A 67 37.11 -18.70 18.13
C LEU A 67 36.99 -20.17 18.57
N GLY A 68 36.47 -21.03 17.68
CA GLY A 68 36.40 -22.45 17.97
C GLY A 68 37.57 -23.28 17.47
N GLY A 69 38.50 -22.65 16.76
CA GLY A 69 39.68 -23.37 16.31
C GLY A 69 39.95 -23.39 14.82
N GLU A 70 39.19 -22.63 14.04
CA GLU A 70 39.46 -22.50 12.62
C GLU A 70 40.30 -21.26 12.35
N SER A 71 41.28 -21.37 11.45
CA SER A 71 42.38 -20.42 11.43
C SER A 71 42.51 -19.42 10.26
N GLY A 72 41.77 -19.61 9.18
CA GLY A 72 41.94 -18.70 8.05
C GLY A 72 40.67 -18.38 7.30
N LEU A 73 39.56 -18.22 8.03
CA LEU A 73 38.27 -17.97 7.39
C LEU A 73 38.17 -16.56 6.81
N THR A 74 39.19 -15.74 7.07
CA THR A 74 39.16 -14.34 6.66
C THR A 74 39.02 -14.16 5.16
N VAL A 75 39.80 -14.92 4.37
CA VAL A 75 39.77 -14.84 2.89
C VAL A 75 38.42 -15.22 2.29
N GLU A 76 37.62 -15.98 3.04
CA GLU A 76 36.26 -16.30 2.61
C GLU A 76 35.37 -15.04 2.58
N PHE A 77 35.71 -14.03 3.35
CA PHE A 77 34.79 -12.91 3.47
C PHE A 77 35.16 -11.72 2.60
N PRO A 78 34.13 -11.09 2.01
CA PRO A 78 34.31 -9.79 1.36
C PRO A 78 34.78 -8.75 2.38
N VAL A 79 35.87 -8.05 2.07
CA VAL A 79 36.37 -7.00 2.93
C VAL A 79 35.31 -5.92 2.96
N PRO A 80 34.88 -5.49 4.17
CA PRO A 80 33.84 -4.44 4.29
C PRO A 80 34.41 -3.02 4.12
N GLU A 81 33.55 -2.03 4.15
CA GLU A 81 33.96 -0.63 3.96
C GLU A 81 34.43 0.00 5.28
N GLY A 82 35.40 0.92 5.20
CA GLY A 82 35.80 1.70 6.36
C GLY A 82 37.12 1.32 7.04
N LYS A 83 37.47 2.08 8.06
CA LYS A 83 38.68 1.82 8.85
C LYS A 83 38.66 0.40 9.43
N THR A 84 39.82 -0.26 9.40
CA THR A 84 39.97 -1.60 9.96
C THR A 84 40.42 -1.52 11.43
N VAL A 85 39.50 -1.19 12.34
CA VAL A 85 39.83 -1.07 13.80
C VAL A 85 39.96 -2.41 14.55
N LYS A 86 40.72 -2.44 15.63
CA LYS A 86 40.95 -3.72 16.32
C LYS A 86 40.06 -3.92 17.56
N VAL A 87 39.72 -5.18 17.83
CA VAL A 87 38.61 -5.55 18.70
C VAL A 87 39.08 -6.44 19.84
N LYS A 88 39.26 -5.86 21.02
CA LYS A 88 39.96 -6.54 22.10
C LYS A 88 39.01 -6.86 23.24
N THR A 89 38.08 -5.95 23.47
CA THR A 89 37.11 -6.12 24.54
C THR A 89 35.66 -6.37 24.05
N LEU A 90 34.97 -7.19 24.83
CA LEU A 90 33.55 -7.36 24.68
C LEU A 90 32.85 -6.01 24.46
N ASN A 91 33.38 -4.94 25.06
CA ASN A 91 32.88 -3.57 24.86
C ASN A 91 32.92 -3.12 23.41
N GLN A 92 34.12 -3.10 22.84
CA GLN A 92 34.32 -2.68 21.46
C GLN A 92 33.41 -3.48 20.54
N LEU A 93 33.44 -4.79 20.72
CA LEU A 93 32.60 -5.71 19.99
C LEU A 93 31.12 -5.36 20.02
N VAL A 94 30.57 -5.13 21.20
CA VAL A 94 29.15 -4.84 21.32
C VAL A 94 28.78 -3.47 20.72
N ASN A 95 29.66 -2.48 20.84
CA ASN A 95 29.36 -1.17 20.27
C ASN A 95 29.59 -1.15 18.77
N GLY A 96 30.60 -1.89 18.31
CA GLY A 96 30.87 -1.98 16.90
C GLY A 96 29.73 -2.65 16.16
N MET A 97 29.01 -3.53 16.84
CA MET A 97 27.86 -4.22 16.27
C MET A 97 26.59 -3.34 16.22
N ILE A 98 26.68 -2.07 16.60
CA ILE A 98 25.53 -1.19 16.42
C ILE A 98 25.30 -0.77 14.95
N SER A 99 26.33 -0.22 14.32
CA SER A 99 26.22 0.31 12.96
C SER A 99 27.31 -0.21 12.07
N ARG A 100 28.27 -0.93 12.66
CA ARG A 100 29.41 -1.43 11.91
C ARG A 100 29.67 -2.91 12.18
N ALA A 101 28.60 -3.68 12.36
CA ALA A 101 28.76 -5.07 12.75
C ALA A 101 29.74 -5.88 11.89
N THR A 102 29.56 -5.83 10.57
CA THR A 102 30.39 -6.62 9.67
C THR A 102 31.85 -6.30 9.84
N MET A 103 32.20 -5.02 9.84
CA MET A 103 33.60 -4.65 9.99
C MET A 103 34.16 -5.10 11.35
N THR A 104 33.41 -4.89 12.42
CA THR A 104 33.94 -5.30 13.71
C THR A 104 34.09 -6.83 13.78
N LEU A 105 33.14 -7.56 13.19
CA LEU A 105 33.18 -9.02 13.26
C LEU A 105 34.34 -9.54 12.43
N TYR A 106 34.51 -8.92 11.28
CA TYR A 106 35.60 -9.27 10.38
C TYR A 106 36.93 -9.01 11.08
N CYS A 107 36.98 -7.92 11.84
CA CYS A 107 38.22 -7.59 12.56
C CYS A 107 38.51 -8.57 13.69
N VAL A 108 37.46 -9.05 14.37
CA VAL A 108 37.63 -10.15 15.31
C VAL A 108 38.28 -11.37 14.65
N MET A 109 37.73 -11.86 13.56
CA MET A 109 38.32 -13.01 12.85
C MET A 109 39.78 -12.83 12.48
N LYS A 110 40.07 -11.64 11.96
CA LYS A 110 41.36 -11.32 11.38
C LYS A 110 42.46 -11.23 12.45
N ASP A 111 42.10 -10.72 13.63
CA ASP A 111 43.01 -10.64 14.77
C ASP A 111 42.31 -11.06 16.09
N PRO A 112 42.06 -12.37 16.25
CA PRO A 112 41.21 -12.94 17.30
C PRO A 112 41.74 -12.74 18.71
N PRO A 113 40.83 -12.61 19.68
CA PRO A 113 41.24 -12.45 21.08
C PRO A 113 41.58 -13.81 21.67
N SER A 114 41.98 -13.84 22.94
CA SER A 114 42.39 -15.08 23.58
C SER A 114 41.87 -15.14 25.00
N GLY A 115 42.00 -16.33 25.60
CA GLY A 115 41.67 -16.51 27.01
C GLY A 115 40.24 -16.18 27.35
N SER A 116 40.05 -15.50 28.47
CA SER A 116 38.72 -15.24 28.99
C SER A 116 37.89 -14.30 28.09
N MET A 117 38.58 -13.40 27.39
CA MET A 117 37.89 -12.43 26.56
C MET A 117 37.30 -13.16 25.34
N ALA A 118 38.08 -14.11 24.81
CA ALA A 118 37.64 -14.96 23.72
C ALA A 118 36.36 -15.70 24.11
N THR A 119 36.34 -16.23 25.33
CA THR A 119 35.16 -16.90 25.90
C THR A 119 33.93 -15.98 25.99
N LEU A 120 34.13 -14.73 26.40
CA LEU A 120 33.03 -13.77 26.58
C LEU A 120 32.47 -13.34 25.23
N MET A 121 33.36 -13.23 24.26
CA MET A 121 33.01 -12.83 22.93
C MET A 121 32.27 -14.00 22.28
N ARG A 122 32.76 -15.20 22.53
CA ARG A 122 32.15 -16.42 22.01
C ARG A 122 30.68 -16.52 22.47
N ASP A 123 30.49 -16.52 23.79
CA ASP A 123 29.15 -16.56 24.36
C ASP A 123 28.29 -15.38 23.91
N HIS A 124 28.90 -14.23 23.68
CA HIS A 124 28.12 -13.10 23.16
C HIS A 124 27.56 -13.40 21.76
N ILE A 125 28.45 -13.81 20.85
CA ILE A 125 28.10 -14.04 19.46
C ILE A 125 27.10 -15.19 19.34
N ARG A 126 27.37 -16.27 20.05
CA ARG A 126 26.48 -17.44 20.11
C ARG A 126 25.11 -17.02 20.56
N ASN A 127 25.06 -16.29 21.67
CA ASN A 127 23.80 -15.80 22.19
C ASN A 127 23.12 -14.85 21.20
N TRP A 128 23.92 -14.06 20.51
CA TRP A 128 23.38 -13.12 19.53
C TRP A 128 22.74 -13.88 18.36
N LEU A 129 23.49 -14.86 17.85
CA LEU A 129 23.00 -15.75 16.79
C LEU A 129 21.67 -16.41 17.18
N LYS A 130 21.62 -16.92 18.41
CA LYS A 130 20.48 -17.73 18.88
C LYS A 130 19.22 -16.92 19.17
N GLU A 131 19.36 -15.65 19.56
CA GLU A 131 18.17 -14.93 20.06
C GLU A 131 17.93 -13.50 19.57
N GLU A 132 18.66 -13.05 18.56
CA GLU A 132 18.54 -11.67 18.07
C GLU A 132 18.87 -11.49 16.59
N SER A 133 19.37 -12.54 15.94
CA SER A 133 19.79 -12.43 14.54
C SER A 133 18.63 -12.72 13.60
N GLY A 134 17.56 -13.29 14.14
CA GLY A 134 16.39 -13.64 13.35
C GLY A 134 16.64 -14.84 12.46
N CYS A 135 17.81 -15.43 12.61
CA CYS A 135 18.19 -16.56 11.77
C CYS A 135 17.87 -17.91 12.41
N GLN A 136 17.39 -17.87 13.66
CA GLN A 136 17.10 -19.06 14.47
C GLN A 136 15.68 -19.58 14.29
N ASP A 137 14.77 -18.74 13.79
CA ASP A 137 13.39 -19.17 13.59
C ASP A 137 13.29 -19.95 12.28
N ALA A 138 12.50 -21.03 12.28
CA ALA A 138 12.33 -21.87 11.10
C ALA A 138 11.81 -21.08 9.89
N ASP A 139 11.82 -21.71 8.71
CA ASP A 139 11.32 -21.08 7.49
C ASP A 139 9.87 -20.59 7.57
N GLY A 140 9.68 -19.28 7.66
CA GLY A 140 8.35 -18.70 7.53
C GLY A 140 8.04 -18.65 6.04
N GLY A 141 6.94 -18.01 5.67
CA GLY A 141 6.65 -17.85 4.25
C GLY A 141 5.74 -18.93 3.69
N GLU A 142 5.40 -18.86 2.41
CA GLU A 142 4.41 -19.78 1.86
C GLU A 142 4.79 -21.27 1.93
N GLU A 143 6.07 -21.60 1.71
CA GLU A 143 6.55 -22.98 1.82
C GLU A 143 6.15 -23.66 3.13
N LYS A 144 6.03 -22.86 4.19
CA LYS A 144 5.64 -23.36 5.51
C LYS A 144 4.25 -23.99 5.50
N TRP A 145 3.27 -23.22 5.03
CA TRP A 145 1.88 -23.65 5.04
C TRP A 145 1.59 -24.79 4.08
N ALA A 146 2.31 -24.84 2.95
CA ALA A 146 2.13 -25.94 2.02
C ALA A 146 2.72 -27.21 2.61
N MET A 147 3.75 -27.03 3.44
CA MET A 147 4.45 -28.17 4.02
C MET A 147 3.62 -28.84 5.10
N VAL A 148 3.02 -28.01 5.94
CA VAL A 148 2.17 -28.47 7.02
C VAL A 148 0.85 -28.99 6.45
N TYR A 149 0.47 -28.46 5.29
CA TYR A 149 -0.66 -28.97 4.53
C TYR A 149 -0.47 -30.40 4.00
N GLY A 150 0.71 -30.69 3.45
CA GLY A 150 1.00 -32.01 2.96
C GLY A 150 1.22 -33.04 4.07
N MET A 151 0.71 -32.74 5.26
CA MET A 151 0.87 -33.62 6.40
C MET A 151 -0.47 -34.19 6.86
N ILE A 152 -1.53 -33.99 6.07
CA ILE A 152 -2.87 -34.35 6.54
C ILE A 152 -3.68 -35.32 5.64
N SER A 153 -3.23 -35.60 4.41
CA SER A 153 -3.87 -36.68 3.65
C SER A 153 -3.12 -38.01 3.79
N PRO A 154 -1.77 -37.96 3.87
CA PRO A 154 -1.05 -39.12 4.43
C PRO A 154 -1.71 -39.59 5.72
N ASP A 155 -2.00 -38.65 6.63
CA ASP A 155 -2.87 -38.92 7.77
C ASP A 155 -4.28 -39.19 7.23
N MET A 156 -4.78 -40.36 7.58
CA MET A 156 -6.09 -40.74 7.19
C MET A 156 -6.89 -39.55 7.67
N ALA A 157 -7.32 -38.72 6.74
CA ALA A 157 -8.09 -37.57 7.10
C ALA A 157 -9.53 -37.86 6.72
N GLU A 158 -9.81 -39.13 6.44
CA GLU A 158 -11.13 -39.49 5.99
C GLU A 158 -11.84 -39.80 7.33
N GLU A 159 -11.07 -40.23 8.33
CA GLU A 159 -11.51 -40.52 9.68
C GLU A 159 -12.51 -39.52 10.21
N LYS A 160 -13.60 -40.08 10.74
CA LYS A 160 -14.74 -39.39 11.35
C LYS A 160 -13.84 -38.54 12.17
N THR A 161 -13.81 -37.26 11.78
CA THR A 161 -12.80 -36.42 12.43
C THR A 161 -12.88 -34.96 11.99
N MET A 162 -12.38 -34.09 12.88
CA MET A 162 -12.26 -32.65 12.63
C MET A 162 -10.83 -32.29 12.20
N LEU A 163 -9.95 -33.30 12.22
CA LEU A 163 -8.59 -33.16 11.73
C LEU A 163 -8.61 -32.91 10.23
N LYS A 164 -9.68 -33.37 9.58
CA LYS A 164 -9.90 -33.07 8.17
C LYS A 164 -10.24 -31.59 8.00
N GLU A 165 -10.84 -30.98 9.01
CA GLU A 165 -11.16 -29.55 8.94
C GLU A 165 -9.90 -28.67 9.07
N LEU A 166 -8.86 -29.19 9.71
CA LEU A 166 -7.54 -28.55 9.70
C LEU A 166 -7.01 -28.41 8.29
N LYS A 167 -6.93 -29.53 7.57
CA LYS A 167 -6.55 -29.53 6.15
C LYS A 167 -7.39 -28.54 5.31
N THR A 168 -8.69 -28.44 5.58
CA THR A 168 -9.55 -27.46 4.87
C THR A 168 -9.23 -26.01 5.25
N MET A 169 -8.83 -25.80 6.50
CA MET A 169 -8.31 -24.51 6.95
C MET A 169 -7.01 -24.19 6.22
N LEU A 170 -6.04 -25.08 6.39
CA LEU A 170 -4.77 -24.98 5.69
C LEU A 170 -4.96 -24.79 4.18
N HIS A 171 -5.91 -25.50 3.57
CA HIS A 171 -6.13 -25.31 2.15
C HIS A 171 -6.63 -23.88 1.85
N SER A 172 -7.51 -23.35 2.71
CA SER A 172 -8.06 -22.01 2.50
C SER A 172 -6.99 -20.93 2.70
N ARG A 173 -6.08 -21.18 3.64
CA ARG A 173 -4.93 -20.32 3.90
C ARG A 173 -4.04 -20.18 2.65
N MET A 174 -3.72 -21.31 2.01
CA MET A 174 -2.90 -21.27 0.81
C MET A 174 -3.69 -20.61 -0.30
N GLN A 175 -4.97 -20.94 -0.33
CA GLN A 175 -5.88 -20.38 -1.32
C GLN A 175 -5.99 -18.85 -1.16
N MET A 176 -6.15 -18.40 0.08
CA MET A 176 -6.38 -16.98 0.37
C MET A 176 -5.25 -16.09 -0.10
N TYR A 177 -4.03 -16.58 0.07
CA TYR A 177 -2.83 -15.88 -0.33
C TYR A 177 -2.82 -15.62 -1.84
N ALA A 178 -3.08 -16.67 -2.62
CA ALA A 178 -3.19 -16.55 -4.07
C ALA A 178 -4.31 -15.61 -4.51
N LEU A 179 -5.44 -15.62 -3.80
CA LEU A 179 -6.62 -14.85 -4.22
C LEU A 179 -6.54 -13.41 -3.74
N GLY A 180 -5.45 -13.06 -3.05
CA GLY A 180 -5.11 -11.67 -2.79
C GLY A 180 -5.45 -11.09 -1.42
N ALA A 181 -5.94 -11.93 -0.50
CA ALA A 181 -6.31 -11.48 0.84
C ALA A 181 -5.19 -10.76 1.58
N SER A 182 -5.58 -9.78 2.38
CA SER A 182 -4.64 -9.02 3.16
C SER A 182 -3.92 -9.88 4.18
N SER A 183 -2.73 -9.41 4.52
CA SER A 183 -1.92 -9.93 5.60
C SER A 183 -2.72 -10.06 6.91
N LYS A 184 -3.55 -9.06 7.23
CA LYS A 184 -4.38 -9.13 8.43
C LYS A 184 -5.35 -10.34 8.35
N ALA A 185 -6.09 -10.44 7.25
CA ALA A 185 -6.97 -11.58 7.03
C ALA A 185 -6.22 -12.91 7.12
N LEU A 186 -5.11 -13.02 6.36
CA LEU A 186 -4.23 -14.19 6.44
C LEU A 186 -3.85 -14.50 7.89
N GLU A 187 -3.48 -13.48 8.65
CA GLU A 187 -3.05 -13.66 10.04
C GLU A 187 -4.14 -14.18 10.98
N ASN A 188 -5.37 -13.67 10.86
CA ASN A 188 -6.50 -14.23 11.58
C ASN A 188 -6.55 -15.77 11.41
N LEU A 189 -6.65 -16.20 10.15
CA LEU A 189 -6.67 -17.61 9.81
C LEU A 189 -5.51 -18.39 10.47
N GLU A 190 -4.29 -17.83 10.41
CA GLU A 190 -3.12 -18.45 11.06
C GLU A 190 -3.27 -18.58 12.57
N LYS A 191 -3.85 -17.56 13.20
CA LYS A 191 -4.18 -17.66 14.63
C LYS A 191 -5.19 -18.81 14.88
N ALA A 192 -6.31 -18.79 14.16
CA ALA A 192 -7.28 -19.88 14.19
C ALA A 192 -6.65 -21.27 14.02
N ILE A 193 -5.77 -21.43 13.01
CA ILE A 193 -5.12 -22.73 12.76
C ILE A 193 -4.34 -23.19 13.98
N VAL A 194 -3.49 -22.30 14.50
CA VAL A 194 -2.71 -22.62 15.69
C VAL A 194 -3.66 -22.92 16.87
N ALA A 195 -4.80 -22.23 16.88
CA ALA A 195 -5.78 -22.47 17.91
C ALA A 195 -6.29 -23.90 17.77
N ALA A 196 -6.70 -24.26 16.57
CA ALA A 196 -7.32 -25.56 16.32
C ALA A 196 -6.38 -26.72 16.62
N VAL A 197 -5.09 -26.52 16.36
CA VAL A 197 -4.08 -27.54 16.65
C VAL A 197 -3.93 -27.79 18.15
N HIS A 198 -3.91 -26.71 18.92
CA HIS A 198 -3.88 -26.83 20.38
C HIS A 198 -5.11 -27.57 20.89
N ARG A 199 -6.27 -27.28 20.31
CA ARG A 199 -7.53 -27.88 20.76
C ARG A 199 -7.76 -29.31 20.16
N LEU A 200 -6.68 -29.94 19.73
CA LEU A 200 -6.71 -31.33 19.29
C LEU A 200 -6.55 -32.23 20.52
N PRO A 201 -7.19 -33.41 20.50
CA PRO A 201 -7.23 -34.29 21.68
C PRO A 201 -5.86 -34.81 22.16
N ALA A 202 -5.81 -35.28 23.41
CA ALA A 202 -4.57 -35.76 24.04
C ALA A 202 -3.99 -37.03 23.41
N SER A 203 -4.77 -37.70 22.57
CA SER A 203 -4.25 -38.85 21.82
C SER A 203 -3.43 -38.39 20.61
N CYS A 204 -3.37 -37.06 20.39
CA CYS A 204 -2.55 -36.45 19.35
C CYS A 204 -1.35 -35.71 19.97
N SER A 205 -0.96 -36.16 21.17
CA SER A 205 0.16 -35.56 21.91
C SER A 205 1.44 -35.27 21.11
N THR A 206 2.02 -36.29 20.48
CA THR A 206 3.23 -36.08 19.68
C THR A 206 2.92 -35.19 18.46
N GLU A 207 1.86 -35.56 17.74
CA GLU A 207 1.41 -34.83 16.55
C GLU A 207 1.20 -33.35 16.83
N LYS A 208 0.75 -33.02 18.05
CA LYS A 208 0.55 -31.63 18.45
C LYS A 208 1.85 -30.85 18.46
N MET A 209 2.79 -31.27 19.32
CA MET A 209 4.07 -30.57 19.50
C MET A 209 5.00 -30.59 18.27
N VAL A 210 4.71 -31.47 17.30
CA VAL A 210 5.36 -31.43 15.99
C VAL A 210 4.79 -30.27 15.17
N LEU A 211 3.46 -30.24 15.05
CA LEU A 211 2.79 -29.17 14.32
C LEU A 211 3.09 -27.81 14.90
N LEU A 212 3.04 -27.74 16.23
CA LEU A 212 3.36 -26.53 16.98
C LEU A 212 4.86 -26.18 16.91
N GLY A 213 5.67 -27.13 16.49
CA GLY A 213 7.08 -26.86 16.27
C GLY A 213 7.38 -26.19 14.93
N TYR A 214 6.46 -26.35 13.97
CA TYR A 214 6.62 -25.78 12.62
C TYR A 214 5.91 -24.45 12.44
N LEU A 215 5.02 -24.12 13.37
CA LEU A 215 4.24 -22.88 13.28
C LEU A 215 4.54 -21.93 14.43
N LYS A 216 5.38 -22.38 15.38
CA LYS A 216 5.62 -21.69 16.65
C LYS A 216 4.30 -21.46 17.42
N MET B 21 11.11 -14.90 8.30
CA MET B 21 10.39 -13.89 7.50
C MET B 21 11.38 -12.98 6.77
N ASN B 22 11.93 -13.45 5.65
CA ASN B 22 12.83 -12.59 4.86
C ASN B 22 12.09 -11.41 4.19
N GLU B 23 12.82 -10.44 3.67
CA GLU B 23 12.20 -9.20 3.24
C GLU B 23 11.33 -9.34 1.99
N SER B 24 11.78 -10.20 1.08
CA SER B 24 11.01 -10.61 -0.09
C SER B 24 9.66 -11.20 0.29
N GLN B 25 9.69 -12.13 1.24
CA GLN B 25 8.46 -12.80 1.66
C GLN B 25 7.58 -11.81 2.38
N TRP B 26 8.18 -11.04 3.27
CA TRP B 26 7.46 -10.02 4.02
C TRP B 26 6.68 -9.10 3.08
N ILE B 27 7.38 -8.64 2.04
CA ILE B 27 6.81 -7.69 1.09
C ILE B 27 5.60 -8.28 0.39
N GLN B 28 5.80 -9.47 -0.18
CA GLN B 28 4.76 -10.16 -0.95
C GLN B 28 3.56 -10.53 -0.08
N LYS B 29 3.81 -10.83 1.20
CA LYS B 29 2.71 -11.04 2.15
C LYS B 29 1.97 -9.73 2.51
N HIS B 30 2.71 -8.66 2.83
CA HIS B 30 2.10 -7.41 3.32
C HIS B 30 1.68 -6.42 2.24
N LEU B 31 2.27 -6.53 1.07
CA LEU B 31 1.91 -5.69 -0.06
C LEU B 31 1.34 -6.59 -1.20
N PRO B 32 0.06 -7.01 -1.07
CA PRO B 32 -0.57 -7.96 -1.99
C PRO B 32 -0.37 -7.69 -3.51
N CYS B 33 -0.25 -6.43 -3.91
CA CYS B 33 0.05 -6.09 -5.30
C CYS B 33 1.40 -6.65 -5.78
N MET B 34 2.31 -6.88 -4.84
CA MET B 34 3.61 -7.42 -5.13
C MET B 34 3.58 -8.92 -5.15
N ARG B 35 2.41 -9.49 -4.83
CA ARG B 35 2.35 -10.92 -4.69
C ARG B 35 2.54 -11.69 -5.99
N GLU B 36 2.32 -11.06 -7.14
CA GLU B 36 2.45 -11.76 -8.42
C GLU B 36 3.86 -11.70 -9.05
N ALA B 37 4.77 -10.95 -8.40
CA ALA B 37 6.12 -10.82 -8.93
C ALA B 37 6.98 -12.02 -8.57
N ASN B 38 7.99 -12.31 -9.40
CA ASN B 38 9.08 -13.20 -9.00
C ASN B 38 9.69 -12.64 -7.71
N PRO B 39 10.01 -13.52 -6.74
CA PRO B 39 10.41 -13.04 -5.41
C PRO B 39 11.85 -12.56 -5.30
N LYS B 40 12.64 -12.73 -6.37
CA LYS B 40 13.98 -12.14 -6.44
C LYS B 40 13.91 -10.62 -6.21
N PRO B 41 14.69 -10.14 -5.24
CA PRO B 41 14.70 -8.73 -4.84
C PRO B 41 14.69 -7.79 -6.06
N ARG B 42 15.56 -8.05 -7.03
CA ARG B 42 15.61 -7.29 -8.28
C ARG B 42 14.28 -7.32 -8.99
N GLU B 43 13.67 -8.50 -9.04
CA GLU B 43 12.40 -8.67 -9.74
C GLU B 43 11.33 -7.83 -9.09
N LEU B 44 11.29 -7.90 -7.75
CA LEU B 44 10.32 -7.12 -6.97
C LEU B 44 10.40 -5.64 -7.30
N ILE B 45 11.63 -5.10 -7.23
CA ILE B 45 11.90 -3.72 -7.58
C ILE B 45 11.31 -3.40 -8.93
N ARG B 46 11.79 -4.09 -9.96
CA ARG B 46 11.29 -3.95 -11.33
C ARG B 46 9.75 -4.06 -11.50
N HIS B 47 9.15 -5.09 -10.90
CA HIS B 47 7.70 -5.19 -10.90
C HIS B 47 7.10 -3.90 -10.35
N ALA B 48 7.56 -3.48 -9.18
CA ALA B 48 7.03 -2.29 -8.51
C ALA B 48 7.24 -1.03 -9.36
N LEU B 49 8.37 -0.96 -10.04
CA LEU B 49 8.64 0.19 -10.88
C LEU B 49 7.72 0.14 -12.11
N LYS B 50 7.53 -1.06 -12.65
CA LYS B 50 6.61 -1.25 -13.78
C LYS B 50 5.20 -0.77 -13.42
N LYS B 51 4.71 -1.17 -12.25
CA LYS B 51 3.37 -0.77 -11.81
C LYS B 51 3.24 0.68 -11.32
N LYS B 52 4.30 1.48 -11.46
CA LYS B 52 4.24 2.90 -11.10
C LYS B 52 3.78 3.17 -9.65
N LYS B 53 4.23 2.34 -8.72
CA LYS B 53 4.02 2.65 -7.32
C LYS B 53 4.83 3.90 -7.01
N ARG B 54 4.43 4.67 -6.00
CA ARG B 54 5.19 5.87 -5.60
C ARG B 54 6.68 5.56 -5.38
N PRO B 55 7.56 6.49 -5.77
CA PRO B 55 9.00 6.33 -5.50
C PRO B 55 9.35 5.95 -4.06
N GLU B 56 8.77 6.62 -3.07
CA GLU B 56 9.09 6.33 -1.67
C GLU B 56 8.81 4.88 -1.27
N VAL B 57 7.72 4.31 -1.79
CA VAL B 57 7.38 2.90 -1.58
C VAL B 57 8.48 1.98 -2.15
N VAL B 58 8.90 2.22 -3.39
CA VAL B 58 9.88 1.34 -4.04
C VAL B 58 11.26 1.41 -3.37
N TYR B 59 11.76 2.63 -3.16
CA TYR B 59 13.01 2.83 -2.44
C TYR B 59 12.93 2.18 -1.05
N ALA B 60 11.79 2.38 -0.36
CA ALA B 60 11.50 1.68 0.89
C ALA B 60 11.78 0.20 0.72
N MET B 61 11.11 -0.42 -0.25
CA MET B 61 11.32 -1.83 -0.51
C MET B 61 12.79 -2.15 -0.80
N GLY B 62 13.44 -1.30 -1.59
CA GLY B 62 14.85 -1.50 -1.94
C GLY B 62 15.73 -1.47 -0.69
N VAL B 63 15.41 -0.57 0.22
CA VAL B 63 16.13 -0.52 1.48
C VAL B 63 15.98 -1.81 2.29
N LEU B 64 14.75 -2.30 2.45
CA LEU B 64 14.55 -3.53 3.21
C LEU B 64 15.34 -4.67 2.60
N LEU B 65 15.29 -4.77 1.26
CA LEU B 65 15.98 -5.84 0.56
C LEU B 65 17.50 -5.73 0.80
N THR B 66 18.01 -4.51 0.85
CA THR B 66 19.42 -4.27 1.21
C THR B 66 19.72 -4.72 2.67
N LEU B 67 19.04 -4.13 3.66
CA LEU B 67 19.23 -4.56 5.06
C LEU B 67 19.13 -6.10 5.23
N GLY B 68 18.25 -6.73 4.48
CA GLY B 68 18.14 -8.18 4.53
C GLY B 68 19.27 -8.97 3.87
N GLY B 69 20.18 -8.32 3.14
CA GLY B 69 21.31 -9.03 2.58
C GLY B 69 21.57 -8.94 1.07
N GLU B 70 20.82 -8.13 0.36
CA GLU B 70 21.08 -7.97 -1.06
C GLU B 70 22.16 -6.93 -1.36
N SER B 71 23.00 -7.23 -2.33
CA SER B 71 24.24 -6.48 -2.55
C SER B 71 24.11 -5.09 -3.19
N GLY B 72 23.73 -5.01 -4.45
CA GLY B 72 23.86 -3.74 -5.17
C GLY B 72 22.47 -3.70 -5.76
N LEU B 73 21.63 -2.82 -5.22
CA LEU B 73 20.23 -2.73 -5.65
C LEU B 73 20.18 -1.31 -6.19
N THR B 74 21.11 -0.45 -5.79
CA THR B 74 21.04 0.92 -6.28
C THR B 74 20.93 1.03 -7.81
N VAL B 75 21.67 0.16 -8.54
CA VAL B 75 21.61 0.18 -10.01
C VAL B 75 20.21 -0.02 -10.54
N GLU B 76 19.34 -0.61 -9.73
CA GLU B 76 17.92 -0.76 -10.11
C GLU B 76 17.12 0.51 -10.00
N PHE B 77 17.69 1.54 -9.37
CA PHE B 77 16.91 2.75 -9.08
C PHE B 77 17.57 3.92 -9.74
N PRO B 78 16.74 4.88 -10.18
CA PRO B 78 17.17 6.20 -10.64
C PRO B 78 17.86 6.93 -9.50
N VAL B 79 18.60 7.98 -9.82
CA VAL B 79 19.19 8.79 -8.79
C VAL B 79 18.22 9.89 -8.42
N PRO B 80 17.82 9.94 -7.12
CA PRO B 80 16.97 11.03 -6.65
C PRO B 80 17.65 12.38 -6.87
N GLU B 81 16.87 13.46 -6.78
CA GLU B 81 17.42 14.82 -6.79
C GLU B 81 18.14 15.13 -5.47
N GLY B 82 19.11 16.05 -5.52
CA GLY B 82 19.76 16.51 -4.30
C GLY B 82 21.16 15.96 -4.03
N LYS B 83 21.69 16.30 -2.86
CA LYS B 83 23.01 15.80 -2.45
C LYS B 83 22.89 14.45 -1.76
N THR B 84 23.91 13.61 -1.92
CA THR B 84 23.95 12.32 -1.25
C THR B 84 24.59 12.48 0.12
N VAL B 85 24.04 11.80 1.11
CA VAL B 85 24.52 11.91 2.46
C VAL B 85 24.77 10.51 3.03
N LYS B 86 25.27 10.45 4.26
CA LYS B 86 25.45 9.18 4.91
C LYS B 86 24.31 9.02 5.91
N VAL B 87 23.62 7.90 5.84
CA VAL B 87 22.46 7.65 6.68
C VAL B 87 22.76 6.37 7.46
N LYS B 88 23.37 6.54 8.63
CA LYS B 88 23.91 5.39 9.35
C LYS B 88 23.12 5.11 10.60
N THR B 89 22.08 5.92 10.81
CA THR B 89 21.41 5.96 12.10
C THR B 89 19.89 6.20 12.03
N LEU B 90 19.14 5.65 12.98
CA LEU B 90 17.69 5.86 13.02
C LEU B 90 17.32 7.36 13.18
N ASN B 91 18.15 8.15 13.86
CA ASN B 91 17.91 9.61 13.88
C ASN B 91 18.05 10.26 12.50
N GLN B 92 19.00 9.78 11.71
CA GLN B 92 19.25 10.33 10.39
C GLN B 92 18.20 9.86 9.36
N LEU B 93 17.76 8.62 9.47
CA LEU B 93 16.65 8.11 8.64
C LEU B 93 15.34 8.88 8.89
N VAL B 94 14.98 9.04 10.17
CA VAL B 94 13.71 9.67 10.56
C VAL B 94 13.66 11.11 10.07
N ASN B 95 14.81 11.80 10.13
CA ASN B 95 14.87 13.19 9.69
C ASN B 95 14.84 13.32 8.18
N GLY B 96 15.65 12.52 7.51
CA GLY B 96 15.63 12.49 6.08
C GLY B 96 14.24 12.14 5.55
N MET B 97 13.48 11.37 6.32
CA MET B 97 12.18 10.92 5.81
C MET B 97 11.06 11.95 5.82
N ILE B 98 11.40 13.16 6.26
CA ILE B 98 10.42 14.23 6.33
C ILE B 98 10.28 14.95 4.99
N SER B 99 11.43 15.32 4.41
CA SER B 99 11.48 16.14 3.19
C SER B 99 12.37 15.61 2.08
N ARG B 100 13.30 14.72 2.41
CA ARG B 100 14.16 14.11 1.41
C ARG B 100 14.04 12.58 1.46
N ALA B 101 12.81 12.08 1.57
CA ALA B 101 12.66 10.65 1.85
C ALA B 101 13.36 9.74 0.82
N THR B 102 13.13 9.98 -0.46
CA THR B 102 13.72 9.09 -1.47
C THR B 102 15.24 9.17 -1.53
N MET B 103 15.81 10.37 -1.43
CA MET B 103 17.29 10.44 -1.42
C MET B 103 17.85 9.70 -0.20
N THR B 104 17.19 9.92 0.94
CA THR B 104 17.58 9.28 2.20
C THR B 104 17.53 7.78 2.06
N LEU B 105 16.40 7.26 1.58
CA LEU B 105 16.23 5.84 1.31
C LEU B 105 17.30 5.38 0.34
N TYR B 106 17.57 6.18 -0.69
CA TYR B 106 18.58 5.78 -1.67
C TYR B 106 19.98 5.65 -1.02
N CYS B 107 20.33 6.63 -0.19
CA CYS B 107 21.60 6.63 0.55
C CYS B 107 21.77 5.51 1.59
N VAL B 108 20.70 5.05 2.21
CA VAL B 108 20.83 3.84 3.03
C VAL B 108 21.21 2.67 2.11
N MET B 109 20.50 2.55 0.99
CA MET B 109 20.82 1.52 -0.01
C MET B 109 22.28 1.56 -0.47
N LYS B 110 22.83 2.75 -0.70
CA LYS B 110 24.17 2.84 -1.23
C LYS B 110 25.22 2.53 -0.15
N ASP B 111 24.92 2.86 1.11
CA ASP B 111 25.91 2.67 2.17
C ASP B 111 25.29 2.30 3.54
N PRO B 112 24.77 1.07 3.65
CA PRO B 112 23.98 0.79 4.87
C PRO B 112 24.84 0.53 6.10
N PRO B 113 24.29 0.76 7.31
CA PRO B 113 24.92 0.29 8.55
C PRO B 113 24.77 -1.23 8.73
N SER B 114 25.56 -1.84 9.61
CA SER B 114 25.35 -3.23 9.97
C SER B 114 25.13 -3.40 11.46
N GLY B 115 24.18 -4.25 11.82
CA GLY B 115 23.96 -4.59 13.22
C GLY B 115 22.67 -4.03 13.78
N SER B 116 22.68 -3.81 15.09
CA SER B 116 21.54 -3.28 15.82
C SER B 116 20.80 -2.10 15.13
N MET B 117 21.55 -1.09 14.66
CA MET B 117 20.92 0.06 13.98
C MET B 117 20.19 -0.31 12.69
N ALA B 118 20.70 -1.32 11.97
CA ALA B 118 20.02 -1.84 10.78
C ALA B 118 18.64 -2.41 11.12
N THR B 119 18.58 -3.28 12.11
CA THR B 119 17.29 -3.78 12.63
C THR B 119 16.27 -2.66 12.90
N LEU B 120 16.70 -1.58 13.57
CA LEU B 120 15.81 -0.47 13.92
C LEU B 120 15.32 0.29 12.70
N MET B 121 16.16 0.37 11.66
CA MET B 121 15.72 0.98 10.42
C MET B 121 14.74 0.05 9.71
N ARG B 122 15.12 -1.23 9.65
CA ARG B 122 14.31 -2.27 9.02
C ARG B 122 12.90 -2.21 9.58
N ASP B 123 12.81 -2.33 10.90
CA ASP B 123 11.54 -2.20 11.62
C ASP B 123 10.84 -0.90 11.30
N HIS B 124 11.57 0.21 11.35
CA HIS B 124 10.97 1.50 11.06
C HIS B 124 10.34 1.55 9.67
N ILE B 125 11.12 1.17 8.65
CA ILE B 125 10.64 1.09 7.28
C ILE B 125 9.43 0.12 7.17
N ARG B 126 9.55 -1.08 7.72
CA ARG B 126 8.44 -2.05 7.68
C ARG B 126 7.15 -1.46 8.19
N ASN B 127 7.28 -0.79 9.35
CA ASN B 127 6.15 -0.14 9.99
C ASN B 127 5.59 0.96 9.12
N TRP B 128 6.48 1.67 8.43
CA TRP B 128 6.07 2.75 7.54
C TRP B 128 5.32 2.22 6.31
N LEU B 129 5.76 1.09 5.77
CA LEU B 129 5.14 0.56 4.56
C LEU B 129 3.69 0.13 4.79
N LYS B 130 3.42 -0.58 5.89
CA LYS B 130 2.04 -0.92 6.27
C LYS B 130 1.16 0.33 6.51
N GLU B 131 1.70 1.30 7.25
CA GLU B 131 0.95 2.50 7.62
C GLU B 131 0.84 3.76 6.72
N GLU B 132 1.97 4.45 6.52
CA GLU B 132 2.00 5.81 5.94
C GLU B 132 2.20 5.70 4.39
N SER B 133 2.35 4.48 3.88
CA SER B 133 2.59 4.31 2.45
C SER B 133 1.27 4.33 1.66
N GLY B 134 0.20 3.94 2.33
CA GLY B 134 -1.12 3.86 1.71
C GLY B 134 -1.16 2.85 0.58
N CYS B 135 -0.18 1.94 0.57
CA CYS B 135 -0.07 0.97 -0.52
C CYS B 135 -0.99 -0.23 -0.31
N GLN B 136 -1.41 -0.44 0.95
CA GLN B 136 -2.27 -1.58 1.30
C GLN B 136 -3.76 -1.31 1.03
N ASP B 137 -4.49 -2.40 0.84
CA ASP B 137 -5.90 -2.31 0.57
C ASP B 137 -6.21 -1.06 -0.22
N ALA B 138 -5.48 -0.82 -1.31
CA ALA B 138 -5.77 0.33 -2.17
C ALA B 138 -7.20 0.24 -2.70
N ASP B 139 -7.90 1.36 -2.72
CA ASP B 139 -9.31 1.25 -3.13
C ASP B 139 -9.18 1.64 -4.60
N GLY B 140 -9.79 0.84 -5.49
CA GLY B 140 -9.70 1.10 -6.90
C GLY B 140 -10.39 2.37 -7.37
N GLY B 141 -10.83 3.21 -6.43
CA GLY B 141 -11.57 4.42 -6.76
C GLY B 141 -12.82 4.09 -7.55
N GLU B 142 -12.87 4.53 -8.80
CA GLU B 142 -14.04 4.30 -9.66
C GLU B 142 -14.24 2.81 -9.98
N GLU B 143 -13.14 2.11 -10.29
CA GLU B 143 -13.20 0.69 -10.60
C GLU B 143 -13.75 -0.16 -9.44
N LYS B 144 -13.66 0.37 -8.23
CA LYS B 144 -14.22 -0.26 -7.03
C LYS B 144 -15.74 -0.48 -7.14
N TRP B 145 -16.47 0.56 -7.52
CA TRP B 145 -17.93 0.51 -7.62
C TRP B 145 -18.38 -0.27 -8.84
N ALA B 146 -17.49 -0.35 -9.83
CA ALA B 146 -17.74 -1.08 -11.06
C ALA B 146 -17.66 -2.58 -10.83
N MET B 147 -16.78 -3.01 -9.93
CA MET B 147 -16.64 -4.43 -9.60
C MET B 147 -17.78 -4.94 -8.74
N VAL B 148 -18.23 -4.13 -7.79
CA VAL B 148 -19.33 -4.56 -6.93
C VAL B 148 -20.63 -4.63 -7.75
N TYR B 149 -20.84 -3.65 -8.63
CA TYR B 149 -21.92 -3.74 -9.61
C TYR B 149 -21.72 -4.96 -10.53
N GLY B 150 -20.53 -5.07 -11.10
CA GLY B 150 -20.18 -6.24 -11.89
C GLY B 150 -20.40 -7.57 -11.17
N MET B 151 -20.18 -7.59 -9.86
CA MET B 151 -20.29 -8.85 -9.14
C MET B 151 -21.74 -9.29 -8.92
N ILE B 152 -22.68 -8.38 -9.16
CA ILE B 152 -24.08 -8.77 -9.13
C ILE B 152 -24.56 -9.14 -10.53
N SER B 153 -24.23 -10.36 -10.90
CA SER B 153 -25.02 -11.15 -11.83
C SER B 153 -25.99 -12.08 -11.07
N PRO B 154 -25.67 -12.45 -9.78
CA PRO B 154 -26.66 -13.14 -8.94
C PRO B 154 -28.10 -12.82 -9.27
N ASP B 155 -28.91 -13.86 -9.20
CA ASP B 155 -30.32 -13.80 -9.53
C ASP B 155 -30.70 -13.50 -10.98
N MET B 156 -29.73 -13.04 -11.79
CA MET B 156 -30.06 -12.50 -13.11
C MET B 156 -31.42 -11.81 -13.02
N ALA B 157 -31.59 -11.02 -11.96
CA ALA B 157 -32.87 -10.44 -11.56
C ALA B 157 -33.96 -11.48 -11.25
N GLU B 158 -33.61 -12.54 -10.50
CA GLU B 158 -34.61 -13.51 -10.04
C GLU B 158 -35.15 -13.14 -8.66
N GLU B 159 -34.28 -12.71 -7.76
CA GLU B 159 -34.73 -12.18 -6.46
C GLU B 159 -34.28 -10.72 -6.32
N LYS B 160 -35.14 -9.88 -5.78
CA LYS B 160 -34.72 -8.53 -5.40
C LYS B 160 -35.07 -8.20 -3.95
N THR B 161 -34.47 -8.95 -3.03
CA THR B 161 -34.37 -8.50 -1.64
C THR B 161 -33.16 -7.57 -1.65
N MET B 162 -33.36 -6.41 -2.29
CA MET B 162 -32.32 -5.44 -2.60
C MET B 162 -31.31 -5.91 -3.63
N LEU B 163 -31.38 -7.17 -4.06
CA LEU B 163 -30.34 -7.74 -4.91
C LEU B 163 -30.25 -7.18 -6.34
N LYS B 164 -31.38 -6.84 -6.94
CA LYS B 164 -31.37 -6.12 -8.21
C LYS B 164 -31.57 -4.62 -7.92
N GLU B 165 -32.02 -4.36 -6.69
CA GLU B 165 -32.11 -3.01 -6.14
C GLU B 165 -30.71 -2.47 -5.87
N LEU B 166 -29.86 -3.30 -5.28
CA LEU B 166 -28.44 -2.97 -5.08
C LEU B 166 -27.77 -2.70 -6.42
N LYS B 167 -28.13 -3.49 -7.43
CA LYS B 167 -27.50 -3.36 -8.74
C LYS B 167 -27.89 -2.05 -9.44
N THR B 168 -29.15 -1.66 -9.30
CA THR B 168 -29.59 -0.38 -9.83
C THR B 168 -28.98 0.78 -9.04
N MET B 169 -28.95 0.65 -7.71
CA MET B 169 -28.28 1.63 -6.86
C MET B 169 -26.85 1.81 -7.38
N LEU B 170 -26.16 0.69 -7.55
CA LEU B 170 -24.79 0.70 -8.08
C LEU B 170 -24.76 1.25 -9.50
N HIS B 171 -25.71 0.81 -10.32
CA HIS B 171 -25.81 1.38 -11.66
C HIS B 171 -25.99 2.89 -11.57
N SER B 172 -26.89 3.33 -10.68
CA SER B 172 -27.10 4.76 -10.45
C SER B 172 -25.77 5.46 -10.13
N ARG B 173 -25.03 4.88 -9.18
CA ARG B 173 -23.71 5.37 -8.80
C ARG B 173 -22.76 5.59 -10.00
N MET B 174 -22.47 4.52 -10.75
CA MET B 174 -21.56 4.62 -11.90
C MET B 174 -21.98 5.65 -12.92
N GLN B 175 -23.25 5.61 -13.31
CA GLN B 175 -23.83 6.55 -14.27
C GLN B 175 -23.71 8.01 -13.80
N MET B 176 -24.02 8.24 -12.52
CA MET B 176 -23.91 9.55 -11.88
C MET B 176 -22.53 10.18 -12.04
N TYR B 177 -21.49 9.39 -11.73
CA TYR B 177 -20.12 9.84 -11.94
C TYR B 177 -19.91 10.27 -13.42
N ALA B 178 -20.34 9.43 -14.35
CA ALA B 178 -20.18 9.71 -15.79
C ALA B 178 -20.92 10.97 -16.30
N LEU B 179 -22.13 11.21 -15.79
CA LEU B 179 -22.91 12.39 -16.16
C LEU B 179 -22.56 13.61 -15.34
N GLY B 180 -21.52 13.47 -14.51
CA GLY B 180 -20.91 14.60 -13.85
C GLY B 180 -21.57 15.06 -12.56
N ALA B 181 -22.15 14.16 -11.79
CA ALA B 181 -22.67 14.53 -10.46
C ALA B 181 -21.52 15.05 -9.59
N SER B 182 -21.84 15.76 -8.52
CA SER B 182 -20.81 16.25 -7.62
C SER B 182 -20.28 15.12 -6.75
N SER B 183 -19.05 15.27 -6.28
CA SER B 183 -18.45 14.29 -5.36
C SER B 183 -19.31 14.02 -4.12
N LYS B 184 -19.94 15.07 -3.57
CA LYS B 184 -20.78 14.89 -2.38
C LYS B 184 -22.01 14.05 -2.69
N ALA B 185 -22.63 14.31 -3.83
CA ALA B 185 -23.72 13.47 -4.33
C ALA B 185 -23.31 11.99 -4.33
N LEU B 186 -22.16 11.73 -4.97
CA LEU B 186 -21.65 10.37 -5.12
C LEU B 186 -21.55 9.69 -3.77
N GLU B 187 -20.83 10.35 -2.86
CA GLU B 187 -20.55 9.82 -1.53
C GLU B 187 -21.82 9.46 -0.73
N ASN B 188 -22.87 10.29 -0.85
CA ASN B 188 -24.17 9.98 -0.26
C ASN B 188 -24.72 8.64 -0.77
N LEU B 189 -24.78 8.53 -2.10
CA LEU B 189 -25.18 7.26 -2.70
C LEU B 189 -24.26 6.13 -2.21
N GLU B 190 -22.94 6.39 -2.24
CA GLU B 190 -21.96 5.43 -1.73
C GLU B 190 -22.27 4.96 -0.31
N LYS B 191 -22.68 5.86 0.57
CA LYS B 191 -23.07 5.51 1.95
C LYS B 191 -24.31 4.63 1.96
N ALA B 192 -25.28 4.98 1.12
CA ALA B 192 -26.50 4.19 0.98
C ALA B 192 -26.16 2.79 0.52
N ILE B 193 -25.38 2.72 -0.55
CA ILE B 193 -24.97 1.44 -1.13
C ILE B 193 -24.31 0.51 -0.09
N VAL B 194 -23.28 1.01 0.59
CA VAL B 194 -22.57 0.22 1.59
C VAL B 194 -23.52 -0.29 2.66
N ALA B 195 -24.46 0.58 3.04
CA ALA B 195 -25.37 0.28 4.14
C ALA B 195 -26.42 -0.76 3.75
N ALA B 196 -26.85 -0.76 2.49
CA ALA B 196 -27.79 -1.77 2.01
C ALA B 196 -27.18 -3.18 1.88
N VAL B 197 -25.85 -3.25 1.77
CA VAL B 197 -25.15 -4.52 1.71
C VAL B 197 -25.15 -5.20 3.09
N HIS B 198 -24.96 -4.40 4.14
CA HIS B 198 -24.95 -4.92 5.50
C HIS B 198 -26.31 -5.47 5.95
N ARG B 199 -27.36 -5.06 5.24
CA ARG B 199 -28.74 -5.45 5.58
C ARG B 199 -29.11 -6.79 4.96
N LEU B 200 -28.24 -7.25 4.09
CA LEU B 200 -28.47 -8.46 3.33
C LEU B 200 -29.01 -9.61 4.16
N PRO B 201 -30.15 -10.11 3.66
CA PRO B 201 -30.82 -11.27 4.25
C PRO B 201 -29.68 -12.19 4.59
N ALA B 202 -29.63 -12.62 5.85
CA ALA B 202 -28.58 -13.52 6.31
C ALA B 202 -28.79 -14.91 5.73
N SER B 203 -29.42 -14.94 4.57
CA SER B 203 -29.71 -16.20 3.87
C SER B 203 -28.71 -16.03 2.77
N CYS B 204 -28.94 -14.95 2.02
CA CYS B 204 -28.11 -14.49 0.93
C CYS B 204 -27.00 -13.97 1.80
N SER B 205 -26.12 -14.86 2.21
CA SER B 205 -25.07 -14.44 3.12
C SER B 205 -23.63 -14.12 2.86
N THR B 206 -22.84 -15.16 2.67
CA THR B 206 -21.42 -14.86 2.70
C THR B 206 -21.28 -13.90 1.54
N GLU B 207 -22.16 -14.04 0.55
CA GLU B 207 -22.18 -13.12 -0.59
C GLU B 207 -22.09 -11.68 -0.13
N LYS B 208 -22.45 -11.42 1.11
CA LYS B 208 -22.40 -10.12 1.70
C LYS B 208 -20.95 -9.81 1.97
N MET B 209 -20.13 -10.85 1.98
CA MET B 209 -18.71 -10.65 2.21
C MET B 209 -17.98 -10.63 0.87
N VAL B 210 -18.57 -11.28 -0.13
CA VAL B 210 -18.05 -11.17 -1.48
C VAL B 210 -18.26 -9.73 -1.95
N LEU B 211 -19.36 -9.13 -1.50
CA LEU B 211 -19.66 -7.74 -1.85
C LEU B 211 -18.87 -6.79 -0.96
N LEU B 212 -18.87 -7.06 0.36
CA LEU B 212 -18.15 -6.20 1.29
C LEU B 212 -16.64 -6.35 1.11
N GLY B 213 -16.24 -7.45 0.47
CA GLY B 213 -14.83 -7.71 0.22
C GLY B 213 -14.20 -6.60 -0.58
N TYR B 214 -14.51 -6.56 -1.88
CA TYR B 214 -14.00 -5.50 -2.73
C TYR B 214 -14.84 -4.23 -2.54
N LEU B 215 -14.76 -3.69 -1.35
CA LEU B 215 -15.43 -2.46 -1.02
C LEU B 215 -14.46 -2.26 0.10
N LYS B 216 -14.84 -1.50 1.11
CA LYS B 216 -13.97 -1.30 2.24
C LYS B 216 -14.25 -2.07 3.51
N MET C 21 -7.10 5.81 -2.81
CA MET C 21 -7.22 6.65 -4.01
C MET C 21 -5.92 7.41 -4.35
N ASN C 22 -5.42 7.23 -5.57
CA ASN C 22 -4.28 8.01 -6.07
C ASN C 22 -4.76 9.35 -6.57
N GLU C 23 -3.83 10.22 -6.98
CA GLU C 23 -4.13 11.62 -7.29
C GLU C 23 -4.93 11.84 -8.56
N SER C 24 -4.70 10.98 -9.55
CA SER C 24 -5.46 11.04 -10.80
C SER C 24 -6.94 10.75 -10.50
N GLN C 25 -7.19 9.58 -9.96
CA GLN C 25 -8.49 9.23 -9.43
C GLN C 25 -9.07 10.31 -8.52
N TRP C 26 -8.31 10.78 -7.53
CA TRP C 26 -8.80 11.82 -6.63
C TRP C 26 -9.34 13.03 -7.40
N ILE C 27 -8.53 13.54 -8.31
CA ILE C 27 -8.87 14.73 -9.09
C ILE C 27 -10.18 14.53 -9.89
N GLN C 28 -10.37 13.36 -10.49
CA GLN C 28 -11.53 13.18 -11.35
C GLN C 28 -12.82 12.98 -10.57
N LYS C 29 -12.72 12.46 -9.35
CA LYS C 29 -13.90 12.28 -8.51
C LYS C 29 -14.37 13.59 -7.87
N HIS C 30 -13.42 14.49 -7.59
CA HIS C 30 -13.73 15.75 -6.91
C HIS C 30 -13.79 16.96 -7.86
N LEU C 31 -13.33 16.77 -9.08
CA LEU C 31 -13.43 17.83 -10.08
C LEU C 31 -14.14 17.32 -11.33
N PRO C 32 -15.49 17.27 -11.30
CA PRO C 32 -16.32 16.63 -12.34
C PRO C 32 -15.93 17.00 -13.78
N CYS C 33 -15.48 18.23 -13.99
CA CYS C 33 -15.02 18.67 -15.32
C CYS C 33 -13.71 18.02 -15.82
N MET C 34 -13.18 17.04 -15.07
CA MET C 34 -11.97 16.31 -15.46
C MET C 34 -12.25 14.85 -15.79
N ARG C 35 -13.49 14.41 -15.61
CA ARG C 35 -13.84 12.99 -15.78
C ARG C 35 -13.71 12.46 -17.21
N GLU C 36 -13.66 13.35 -18.18
CA GLU C 36 -13.70 12.98 -19.59
C GLU C 36 -12.30 12.99 -20.18
N ALA C 37 -11.34 13.46 -19.40
CA ALA C 37 -9.94 13.43 -19.80
C ALA C 37 -9.38 12.04 -19.56
N ASN C 38 -8.41 11.65 -20.39
CA ASN C 38 -7.65 10.42 -20.13
C ASN C 38 -6.95 10.54 -18.76
N PRO C 39 -6.94 9.43 -18.00
CA PRO C 39 -6.43 9.46 -16.62
C PRO C 39 -4.93 9.75 -16.46
N LYS C 40 -4.13 9.61 -17.51
CA LYS C 40 -2.69 9.90 -17.41
C LYS C 40 -2.44 11.36 -17.05
N PRO C 41 -1.56 11.60 -16.06
CA PRO C 41 -1.27 12.92 -15.52
C PRO C 41 -1.01 13.98 -16.59
N ARG C 42 -0.25 13.62 -17.64
CA ARG C 42 0.01 14.54 -18.75
C ARG C 42 -1.29 14.86 -19.48
N GLU C 43 -2.09 13.84 -19.72
CA GLU C 43 -3.38 14.02 -20.36
C GLU C 43 -4.33 14.87 -19.52
N LEU C 44 -4.29 14.70 -18.19
CA LEU C 44 -5.07 15.53 -17.29
C LEU C 44 -4.72 17.00 -17.40
N ILE C 45 -3.43 17.31 -17.22
CA ILE C 45 -2.94 18.68 -17.31
C ILE C 45 -3.26 19.34 -18.66
N ARG C 46 -3.02 18.60 -19.75
CA ARG C 46 -3.30 19.11 -21.09
C ARG C 46 -4.76 19.46 -21.24
N HIS C 47 -5.62 18.54 -20.85
CA HIS C 47 -7.08 18.72 -20.91
C HIS C 47 -7.55 19.94 -20.12
N ALA C 48 -7.08 20.08 -18.89
CA ALA C 48 -7.46 21.25 -18.10
C ALA C 48 -6.83 22.52 -18.66
N LEU C 49 -5.73 22.40 -19.38
CA LEU C 49 -5.15 23.55 -20.06
C LEU C 49 -5.88 23.91 -21.36
N LYS C 50 -6.26 22.89 -22.15
CA LYS C 50 -7.02 23.08 -23.41
C LYS C 50 -8.39 23.68 -23.10
N LYS C 51 -9.10 23.02 -22.19
CA LYS C 51 -10.28 23.58 -21.56
C LYS C 51 -9.75 24.82 -20.85
N LYS C 52 -10.54 25.88 -20.74
CA LYS C 52 -10.02 27.05 -20.06
C LYS C 52 -10.29 26.87 -18.57
N LYS C 53 -9.23 26.90 -17.76
CA LYS C 53 -9.36 26.89 -16.30
C LYS C 53 -8.35 27.83 -15.68
N ARG C 54 -8.62 28.27 -14.47
CA ARG C 54 -7.72 29.22 -13.84
C ARG C 54 -6.37 28.57 -13.58
N PRO C 55 -5.28 29.29 -13.90
CA PRO C 55 -3.91 28.88 -13.60
C PRO C 55 -3.83 28.19 -12.24
N GLU C 56 -4.29 28.84 -11.18
CA GLU C 56 -4.20 28.31 -9.82
C GLU C 56 -4.60 26.83 -9.73
N VAL C 57 -5.77 26.51 -10.28
CA VAL C 57 -6.32 25.15 -10.28
C VAL C 57 -5.50 24.12 -11.08
N VAL C 58 -5.02 24.51 -12.25
CA VAL C 58 -4.23 23.60 -13.08
C VAL C 58 -2.89 23.30 -12.42
N TYR C 59 -2.19 24.35 -12.01
CA TYR C 59 -0.92 24.20 -11.30
C TYR C 59 -1.06 23.33 -10.06
N ALA C 60 -2.19 23.49 -9.34
CA ALA C 60 -2.50 22.67 -8.15
C ALA C 60 -2.64 21.18 -8.46
N MET C 61 -3.35 20.88 -9.56
CA MET C 61 -3.37 19.52 -10.09
C MET C 61 -1.93 19.05 -10.37
N GLY C 62 -1.13 19.88 -11.03
CA GLY C 62 0.26 19.58 -11.31
C GLY C 62 1.07 19.24 -10.06
N VAL C 63 0.88 20.01 -8.99
CA VAL C 63 1.52 19.68 -7.73
C VAL C 63 1.03 18.33 -7.19
N LEU C 64 -0.28 18.09 -7.26
CA LEU C 64 -0.84 16.85 -6.75
C LEU C 64 -0.22 15.63 -7.41
N LEU C 65 -0.08 15.68 -8.73
CA LEU C 65 0.43 14.55 -9.50
C LEU C 65 1.93 14.34 -9.28
N THR C 66 2.69 15.45 -9.28
CA THR C 66 4.10 15.44 -8.86
C THR C 66 4.25 14.86 -7.45
N LEU C 67 3.37 15.29 -6.55
CA LEU C 67 3.42 14.76 -5.18
C LEU C 67 3.17 13.27 -5.14
N GLY C 68 2.23 12.81 -5.98
CA GLY C 68 1.90 11.40 -6.04
C GLY C 68 2.81 10.51 -6.89
N GLY C 69 3.76 11.11 -7.59
CA GLY C 69 4.85 10.31 -8.13
C GLY C 69 5.36 10.62 -9.53
N GLU C 70 4.74 11.61 -10.17
CA GLU C 70 5.12 12.00 -11.54
C GLU C 70 6.27 13.01 -11.57
N SER C 71 7.31 12.70 -12.35
CA SER C 71 8.60 13.39 -12.19
C SER C 71 8.96 14.55 -13.12
N GLY C 72 8.30 14.69 -14.27
CA GLY C 72 8.70 15.77 -15.17
C GLY C 72 7.54 16.62 -15.65
N LEU C 73 6.58 16.85 -14.75
CA LEU C 73 5.33 17.50 -15.11
C LEU C 73 5.48 19.01 -15.31
N THR C 74 6.56 19.57 -14.75
CA THR C 74 6.94 20.96 -14.92
C THR C 74 6.90 21.44 -16.39
N VAL C 75 7.33 20.60 -17.32
CA VAL C 75 7.40 20.99 -18.74
C VAL C 75 6.05 20.85 -19.40
N GLU C 76 4.99 20.79 -18.61
CA GLU C 76 3.67 20.89 -19.19
C GLU C 76 3.12 22.28 -18.92
N PHE C 77 3.88 23.06 -18.15
CA PHE C 77 3.37 24.33 -17.66
C PHE C 77 4.18 25.51 -18.15
N PRO C 78 3.51 26.65 -18.37
CA PRO C 78 4.21 27.91 -18.64
C PRO C 78 4.99 28.30 -17.39
N VAL C 79 6.07 29.07 -17.54
CA VAL C 79 6.82 29.56 -16.39
C VAL C 79 6.19 30.85 -15.84
N PRO C 80 5.73 30.82 -14.58
CA PRO C 80 5.02 31.95 -13.97
C PRO C 80 5.95 33.06 -13.48
N GLU C 81 5.41 33.93 -12.64
CA GLU C 81 5.97 35.24 -12.39
C GLU C 81 6.91 35.48 -11.21
N GLY C 82 7.99 36.20 -11.47
CA GLY C 82 8.93 36.56 -10.42
C GLY C 82 10.10 35.61 -10.39
N LYS C 83 10.79 35.57 -9.24
CA LYS C 83 11.96 34.72 -9.08
C LYS C 83 11.58 33.37 -8.46
N THR C 84 12.32 32.33 -8.85
CA THR C 84 12.11 30.99 -8.28
C THR C 84 12.28 31.07 -6.78
N VAL C 85 11.24 30.65 -6.06
CA VAL C 85 11.24 30.63 -4.60
C VAL C 85 11.29 29.19 -4.14
N LYS C 86 12.13 28.88 -3.15
CA LYS C 86 12.10 27.56 -2.50
C LYS C 86 10.78 27.39 -1.72
N VAL C 87 10.11 26.24 -1.90
CA VAL C 87 8.92 25.92 -1.11
C VAL C 87 9.10 24.57 -0.42
N LYS C 88 9.71 24.62 0.77
CA LYS C 88 10.16 23.43 1.50
C LYS C 88 9.22 23.00 2.63
N THR C 89 8.64 24.00 3.30
CA THR C 89 7.74 23.76 4.42
C THR C 89 6.26 23.94 4.04
N LEU C 90 5.39 23.51 4.95
CA LEU C 90 3.94 23.67 4.78
C LEU C 90 3.51 25.14 4.92
N ASN C 91 4.12 25.86 5.87
CA ASN C 91 3.80 27.28 6.04
C ASN C 91 4.10 28.11 4.78
N GLN C 92 5.26 27.91 4.17
CA GLN C 92 5.58 28.60 2.91
C GLN C 92 4.54 28.32 1.82
N LEU C 93 4.08 27.06 1.74
CA LEU C 93 3.05 26.69 0.77
C LEU C 93 1.73 27.39 1.07
N VAL C 94 1.30 27.32 2.33
CA VAL C 94 0.04 27.92 2.72
C VAL C 94 0.11 29.42 2.48
N ASN C 95 1.24 30.01 2.86
CA ASN C 95 1.48 31.43 2.69
C ASN C 95 1.55 31.87 1.24
N GLY C 96 2.38 31.19 0.46
CA GLY C 96 2.57 31.49 -0.95
C GLY C 96 1.26 31.45 -1.74
N MET C 97 0.34 30.60 -1.31
CA MET C 97 -1.01 30.62 -1.85
C MET C 97 -1.82 31.75 -1.19
N ILE C 98 -1.37 32.98 -1.37
CA ILE C 98 -2.15 34.11 -0.92
C ILE C 98 -2.80 34.51 -2.24
N SER C 99 -3.27 33.50 -2.97
CA SER C 99 -3.83 33.70 -4.31
C SER C 99 -2.67 34.07 -5.27
N ARG C 100 -1.43 33.97 -4.74
CA ARG C 100 -0.17 34.06 -5.49
C ARG C 100 0.28 32.62 -5.74
N ALA C 101 -0.72 31.74 -5.73
CA ALA C 101 -0.53 30.30 -5.77
C ALA C 101 0.28 29.80 -6.96
N THR C 102 -0.02 30.29 -8.16
CA THR C 102 0.57 29.71 -9.38
C THR C 102 2.10 29.67 -9.37
N MET C 103 2.75 30.68 -8.79
CA MET C 103 4.22 30.64 -8.74
C MET C 103 4.63 29.66 -7.65
N THR C 104 4.07 29.85 -6.47
CA THR C 104 4.26 28.92 -5.35
C THR C 104 4.05 27.47 -5.79
N LEU C 105 2.90 27.16 -6.38
CA LEU C 105 2.63 25.82 -6.90
C LEU C 105 3.70 25.37 -7.93
N TYR C 106 4.05 26.25 -8.86
CA TYR C 106 5.09 25.91 -9.83
C TYR C 106 6.42 25.56 -9.15
N CYS C 107 6.77 26.32 -8.12
CA CYS C 107 8.03 26.08 -7.41
C CYS C 107 8.09 24.73 -6.65
N VAL C 108 6.98 24.34 -6.01
CA VAL C 108 6.86 22.97 -5.49
C VAL C 108 7.00 21.89 -6.57
N MET C 109 6.28 22.05 -7.69
CA MET C 109 6.42 21.15 -8.86
C MET C 109 7.85 21.01 -9.35
N LYS C 110 8.55 22.14 -9.43
CA LYS C 110 9.97 22.16 -9.77
C LYS C 110 10.83 21.36 -8.80
N ASP C 111 10.60 21.56 -7.51
CA ASP C 111 11.48 20.99 -6.50
C ASP C 111 10.68 20.47 -5.32
N PRO C 112 9.97 19.34 -5.51
CA PRO C 112 9.04 18.93 -4.45
C PRO C 112 9.73 18.26 -3.27
N PRO C 113 9.17 18.45 -2.08
CA PRO C 113 9.60 17.60 -0.97
C PRO C 113 9.25 16.12 -1.20
N SER C 114 9.83 15.25 -0.38
CA SER C 114 9.62 13.81 -0.46
C SER C 114 9.46 13.27 0.96
N GLY C 115 8.39 12.50 1.22
CA GLY C 115 8.13 12.00 2.56
C GLY C 115 6.99 12.70 3.29
N SER C 116 7.00 12.68 4.61
CA SER C 116 5.91 13.23 5.43
C SER C 116 5.42 14.62 4.98
N MET C 117 6.35 15.52 4.69
CA MET C 117 5.99 16.88 4.33
C MET C 117 5.18 16.90 3.04
N ALA C 118 5.44 15.95 2.16
CA ALA C 118 4.74 15.92 0.90
C ALA C 118 3.28 15.60 1.19
N THR C 119 3.06 14.65 2.10
CA THR C 119 1.71 14.29 2.48
C THR C 119 0.92 15.49 3.04
N LEU C 120 1.58 16.27 3.88
CA LEU C 120 0.98 17.51 4.39
C LEU C 120 0.60 18.46 3.26
N MET C 121 1.54 18.75 2.36
CA MET C 121 1.26 19.65 1.25
C MET C 121 0.14 19.12 0.38
N ARG C 122 0.10 17.79 0.21
CA ARG C 122 -0.95 17.16 -0.58
C ARG C 122 -2.32 17.35 0.04
N ASP C 123 -2.43 17.04 1.33
CA ASP C 123 -3.70 17.21 2.03
C ASP C 123 -4.14 18.67 1.96
N HIS C 124 -3.18 19.56 2.10
CA HIS C 124 -3.50 20.96 1.95
C HIS C 124 -3.97 21.35 0.56
N ILE C 125 -3.32 20.84 -0.48
CA ILE C 125 -3.74 21.18 -1.84
C ILE C 125 -5.09 20.54 -2.13
N ARG C 126 -5.30 19.33 -1.61
CA ARG C 126 -6.57 18.64 -1.81
C ARG C 126 -7.74 19.42 -1.24
N ASN C 127 -7.70 19.71 0.06
CA ASN C 127 -8.86 20.38 0.66
C ASN C 127 -9.09 21.78 0.08
N TRP C 128 -8.06 22.33 -0.56
CA TRP C 128 -8.16 23.61 -1.22
C TRP C 128 -8.97 23.47 -2.51
N LEU C 129 -8.62 22.47 -3.33
CA LEU C 129 -9.33 22.20 -4.57
C LEU C 129 -10.80 21.87 -4.30
N LYS C 130 -11.02 21.02 -3.31
CA LYS C 130 -12.35 20.48 -2.98
C LYS C 130 -13.29 21.59 -2.53
N GLU C 131 -12.86 22.35 -1.54
CA GLU C 131 -13.67 23.41 -0.98
C GLU C 131 -13.33 24.76 -1.62
N GLU C 132 -12.28 25.39 -1.10
CA GLU C 132 -11.97 26.81 -1.41
C GLU C 132 -12.14 27.26 -2.87
N SER C 133 -11.78 26.41 -3.84
CA SER C 133 -11.80 26.82 -5.25
C SER C 133 -11.48 25.71 -6.24
N GLY C 134 -11.95 25.89 -7.47
CA GLY C 134 -11.79 24.89 -8.51
C GLY C 134 -13.14 24.55 -9.08
N CYS C 135 -13.19 23.72 -10.13
CA CYS C 135 -14.50 23.27 -10.61
C CYS C 135 -15.06 22.23 -9.64
N GLN C 136 -15.33 22.71 -8.41
CA GLN C 136 -15.82 21.88 -7.32
C GLN C 136 -17.29 21.48 -7.51
N ASP C 137 -18.18 22.48 -7.62
CA ASP C 137 -19.59 22.24 -7.92
C ASP C 137 -19.78 21.70 -9.35
N ALA C 138 -20.80 20.87 -9.54
CA ALA C 138 -20.97 20.13 -10.80
C ALA C 138 -22.19 20.59 -11.61
N ASP C 139 -22.10 20.45 -12.92
CA ASP C 139 -23.28 20.62 -13.80
C ASP C 139 -23.93 22.01 -13.78
N GLY C 140 -23.17 23.06 -14.07
CA GLY C 140 -23.78 24.37 -14.23
C GLY C 140 -24.61 24.39 -15.52
N GLY C 141 -24.50 23.31 -16.29
CA GLY C 141 -25.04 23.25 -17.63
C GLY C 141 -26.55 23.32 -17.79
N GLU C 142 -26.97 23.85 -18.93
CA GLU C 142 -28.36 23.88 -19.32
C GLU C 142 -28.83 22.48 -19.65
N GLU C 143 -27.90 21.65 -20.12
CA GLU C 143 -28.24 20.29 -20.58
C GLU C 143 -28.52 19.35 -19.44
N LYS C 144 -28.26 19.80 -18.21
CA LYS C 144 -28.61 19.04 -17.02
C LYS C 144 -30.12 18.77 -16.93
N TRP C 145 -30.94 19.73 -17.37
CA TRP C 145 -32.38 19.55 -17.29
C TRP C 145 -32.86 18.55 -18.34
N ALA C 146 -32.34 18.65 -19.55
CA ALA C 146 -32.67 17.67 -20.59
C ALA C 146 -32.12 16.30 -20.21
N MET C 147 -30.98 16.29 -19.54
CA MET C 147 -30.39 15.05 -19.07
C MET C 147 -31.31 14.32 -18.09
N VAL C 148 -31.78 15.06 -17.07
CA VAL C 148 -32.73 14.52 -16.11
C VAL C 148 -34.13 14.30 -16.74
N TYR C 149 -34.48 15.09 -17.75
CA TYR C 149 -35.74 14.84 -18.47
C TYR C 149 -35.75 13.45 -19.09
N GLY C 150 -34.56 12.88 -19.32
CA GLY C 150 -34.43 11.57 -19.92
C GLY C 150 -34.62 10.28 -19.13
N MET C 151 -33.95 10.18 -17.99
CA MET C 151 -34.02 8.99 -17.15
C MET C 151 -35.41 8.73 -16.60
N ILE C 152 -36.26 9.75 -16.62
CA ILE C 152 -37.64 9.62 -16.19
C ILE C 152 -38.44 9.58 -17.49
N SER C 153 -38.23 8.54 -18.26
CA SER C 153 -38.96 8.44 -19.50
C SER C 153 -40.36 8.00 -19.12
N PRO C 154 -41.17 7.73 -20.15
CA PRO C 154 -42.53 7.22 -19.96
C PRO C 154 -42.31 5.79 -19.52
N ASP C 155 -42.12 5.62 -18.22
CA ASP C 155 -41.76 4.32 -17.65
C ASP C 155 -43.09 4.27 -16.91
N MET C 156 -43.93 5.16 -17.38
CA MET C 156 -45.29 5.43 -16.90
C MET C 156 -45.53 6.43 -15.77
N ALA C 157 -44.45 6.97 -15.20
CA ALA C 157 -44.47 7.82 -14.04
C ALA C 157 -45.46 7.17 -13.09
N GLU C 158 -45.33 5.85 -13.00
CA GLU C 158 -46.27 5.07 -12.20
C GLU C 158 -46.72 5.96 -11.05
N GLU C 159 -45.83 6.78 -10.53
CA GLU C 159 -46.17 7.63 -9.42
C GLU C 159 -46.60 8.96 -9.99
N LYS C 160 -47.81 8.95 -10.53
CA LYS C 160 -48.50 10.05 -11.14
C LYS C 160 -48.14 11.41 -10.60
N THR C 161 -48.36 11.59 -9.32
CA THR C 161 -48.13 12.87 -8.63
C THR C 161 -46.88 13.66 -9.02
N MET C 162 -45.70 13.07 -9.13
CA MET C 162 -44.65 13.96 -9.54
C MET C 162 -43.97 13.21 -10.61
N LEU C 163 -44.04 11.91 -10.50
CA LEU C 163 -43.32 11.10 -11.50
C LEU C 163 -43.64 11.44 -12.97
N LYS C 164 -44.90 11.81 -13.23
CA LYS C 164 -45.32 12.34 -14.54
C LYS C 164 -45.26 13.87 -14.52
N GLU C 165 -45.80 14.46 -13.46
CA GLU C 165 -45.72 15.89 -13.24
C GLU C 165 -44.24 16.39 -13.22
N LEU C 166 -43.37 15.65 -12.54
CA LEU C 166 -41.95 15.99 -12.48
C LEU C 166 -41.42 16.08 -13.88
N LYS C 167 -41.65 14.99 -14.62
CA LYS C 167 -41.18 14.89 -16.00
C LYS C 167 -41.80 15.98 -16.88
N THR C 168 -43.07 16.31 -16.66
CA THR C 168 -43.70 17.38 -17.43
C THR C 168 -42.97 18.69 -17.14
N MET C 169 -42.76 18.94 -15.84
CA MET C 169 -42.04 20.12 -15.37
C MET C 169 -40.63 20.26 -15.96
N LEU C 170 -39.91 19.14 -16.04
CA LEU C 170 -38.55 19.17 -16.56
C LEU C 170 -38.58 19.54 -18.02
N HIS C 171 -39.49 18.89 -18.75
CA HIS C 171 -39.67 19.16 -20.16
C HIS C 171 -40.08 20.61 -20.38
N SER C 172 -40.93 21.12 -19.51
CA SER C 172 -41.36 22.51 -19.70
C SER C 172 -40.14 23.42 -19.50
N ARG C 173 -39.34 23.14 -18.47
CA ARG C 173 -38.09 23.86 -18.22
C ARG C 173 -37.11 23.89 -19.42
N MET C 174 -36.95 22.77 -20.13
CA MET C 174 -36.11 22.75 -21.35
C MET C 174 -36.71 23.64 -22.42
N GLN C 175 -38.00 23.42 -22.64
CA GLN C 175 -38.75 24.15 -23.65
C GLN C 175 -38.71 25.65 -23.41
N MET C 176 -39.06 26.07 -22.20
CA MET C 176 -39.02 27.49 -21.82
C MET C 176 -37.69 28.20 -22.09
N TYR C 177 -36.57 27.54 -21.81
CA TYR C 177 -35.27 28.13 -22.11
C TYR C 177 -35.15 28.38 -23.61
N ALA C 178 -35.38 27.33 -24.39
CA ALA C 178 -35.29 27.39 -25.85
C ALA C 178 -36.31 28.39 -26.46
N LEU C 179 -37.50 28.45 -25.90
CA LEU C 179 -38.47 29.40 -26.44
C LEU C 179 -38.24 30.81 -25.90
N GLY C 180 -37.21 30.95 -25.07
CA GLY C 180 -36.68 32.24 -24.67
C GLY C 180 -37.41 32.95 -23.54
N ALA C 181 -37.94 32.22 -22.57
CA ALA C 181 -38.55 32.86 -21.42
C ALA C 181 -37.48 33.47 -20.50
N SER C 182 -37.88 34.45 -19.68
CA SER C 182 -36.99 35.12 -18.73
C SER C 182 -36.41 34.17 -17.69
N SER C 183 -35.31 34.59 -17.08
CA SER C 183 -34.61 33.78 -16.10
C SER C 183 -35.40 33.71 -14.80
N LYS C 184 -36.22 34.73 -14.57
CA LYS C 184 -37.10 34.77 -13.40
C LYS C 184 -38.08 33.58 -13.50
N ALA C 185 -38.71 33.45 -14.67
CA ALA C 185 -39.56 32.31 -14.96
C ALA C 185 -38.78 30.98 -14.90
N LEU C 186 -37.61 30.95 -15.55
CA LEU C 186 -36.80 29.74 -15.49
C LEU C 186 -36.58 29.30 -14.06
N GLU C 187 -36.10 30.21 -13.22
CA GLU C 187 -35.75 29.91 -11.83
C GLU C 187 -36.94 29.42 -11.00
N ASN C 188 -38.09 30.06 -11.18
CA ASN C 188 -39.30 29.63 -10.48
C ASN C 188 -39.70 28.18 -10.77
N LEU C 189 -39.66 27.81 -12.05
CA LEU C 189 -39.84 26.42 -12.42
C LEU C 189 -38.77 25.52 -11.78
N GLU C 190 -37.51 25.93 -11.90
CA GLU C 190 -36.41 25.19 -11.27
C GLU C 190 -36.62 25.01 -9.76
N LYS C 191 -37.12 26.05 -9.07
CA LYS C 191 -37.30 25.92 -7.63
C LYS C 191 -38.51 25.03 -7.31
N ALA C 192 -39.49 25.03 -8.20
CA ALA C 192 -40.62 24.12 -8.07
C ALA C 192 -40.17 22.68 -8.24
N ILE C 193 -39.45 22.42 -9.33
CA ILE C 193 -38.92 21.08 -9.63
C ILE C 193 -38.16 20.42 -8.47
N VAL C 194 -37.24 21.16 -7.84
CA VAL C 194 -36.43 20.64 -6.75
C VAL C 194 -37.30 20.33 -5.53
N ALA C 195 -38.19 21.26 -5.20
CA ALA C 195 -39.13 21.04 -4.11
C ALA C 195 -39.96 19.80 -4.41
N ALA C 196 -40.46 19.69 -5.63
CA ALA C 196 -41.21 18.49 -6.02
C ALA C 196 -40.40 17.22 -5.75
N VAL C 197 -39.11 17.23 -6.06
CA VAL C 197 -38.29 16.03 -5.91
C VAL C 197 -38.19 15.61 -4.44
N HIS C 198 -37.85 16.59 -3.59
CA HIS C 198 -37.90 16.43 -2.14
C HIS C 198 -39.22 15.89 -1.58
N ARG C 199 -40.34 16.14 -2.26
CA ARG C 199 -41.64 15.67 -1.76
C ARG C 199 -41.90 14.20 -2.07
N LEU C 200 -41.15 13.62 -3.00
CA LEU C 200 -41.32 12.20 -3.34
C LEU C 200 -41.35 11.27 -2.10
N PRO C 201 -42.09 10.14 -2.19
CA PRO C 201 -42.29 9.29 -1.00
C PRO C 201 -40.97 8.76 -0.43
N ALA C 202 -41.00 8.09 0.71
CA ALA C 202 -39.82 7.46 1.28
C ALA C 202 -39.33 6.30 0.41
N SER C 203 -40.25 5.51 -0.16
CA SER C 203 -39.88 4.67 -1.30
C SER C 203 -39.50 5.70 -2.36
N CYS C 204 -38.60 5.38 -3.27
CA CYS C 204 -37.93 6.37 -4.15
C CYS C 204 -36.77 7.06 -3.46
N SER C 205 -36.48 6.63 -2.23
CA SER C 205 -35.28 7.06 -1.52
C SER C 205 -34.03 7.21 -2.41
N THR C 206 -33.74 6.19 -3.22
CA THR C 206 -32.48 6.21 -3.98
C THR C 206 -32.57 7.05 -5.27
N GLU C 207 -33.75 7.07 -5.89
CA GLU C 207 -33.94 7.93 -7.05
C GLU C 207 -34.09 9.41 -6.66
N LYS C 208 -34.25 9.70 -5.37
CA LYS C 208 -34.25 11.10 -4.92
C LYS C 208 -32.82 11.60 -4.79
N MET C 209 -31.94 10.72 -4.32
CA MET C 209 -30.52 11.03 -4.21
C MET C 209 -29.93 11.28 -5.60
N VAL C 210 -30.32 10.44 -6.55
CA VAL C 210 -29.90 10.61 -7.93
C VAL C 210 -30.38 11.94 -8.54
N LEU C 211 -31.69 12.19 -8.44
CA LEU C 211 -32.27 13.44 -8.94
C LEU C 211 -31.70 14.69 -8.25
N LEU C 212 -31.66 14.68 -6.92
CA LEU C 212 -31.07 15.79 -6.20
C LEU C 212 -29.57 15.92 -6.50
N GLY C 213 -28.93 14.80 -6.80
CA GLY C 213 -27.51 14.82 -7.14
C GLY C 213 -27.28 15.63 -8.41
N TYR C 214 -28.16 15.43 -9.39
CA TYR C 214 -28.08 16.11 -10.67
C TYR C 214 -28.58 17.58 -10.67
N LEU C 215 -29.40 17.95 -9.70
CA LEU C 215 -30.12 19.21 -9.84
C LEU C 215 -29.73 20.28 -8.84
N LYS C 216 -29.61 19.88 -7.58
CA LYS C 216 -29.36 20.78 -6.45
C LYS C 216 -27.88 21.20 -6.39
#